data_8SPP
#
_entry.id   8SPP
#
_cell.length_a   77.686
_cell.length_b   77.686
_cell.length_c   137.143
_cell.angle_alpha   90.00
_cell.angle_beta   90.00
_cell.angle_gamma   90.00
#
_symmetry.space_group_name_H-M   'P 41 21 2'
#
loop_
_entity.id
_entity.type
_entity.pdbx_description
1 polymer 'Cytochrome P450'
2 non-polymer 'PROTOPORPHYRIN IX CONTAINING FE'
3 water water
#
_entity_poly.entity_id   1
_entity_poly.type   'polypeptide(L)'
_entity_poly.pdbx_seq_one_letter_code
;GHMTVSPAPEHTDPLFSPLDPAVLADPYPVYRRLRETHPVYWHAGLDSWLMTRHADCTAILRDPGRFSTDFRKIDIPTPP
TLLSLQTLDPPDQTPLRHLALDAVRAQDLDALRKELTLFADQLLDELADRESFDFIHDYADVFTLRAITRFIGVEPPETD
EAFARFNDDLDHSMDAQLDPDAEEPGLRARAHFNDLVRSWLGDPGPHGVLPDVVRLLPGSGVEADDVLVNSVRAFFHAGF
EVPSRFLGNALAALLATPGAWEQLVRGDVGLDTAVEELIRYVGPVQALARACLQDTELGGMAVKEGQVVTALIGAANRDP
DQFPDPETLRLDRKPNNHLGFGRGAHSCLGLNVARIEAHVTLGALLRHPGVRSAGEPVVRPNGTLRGLSRLPLTLG
;
_entity_poly.pdbx_strand_id   A
#
loop_
_chem_comp.id
_chem_comp.type
_chem_comp.name
_chem_comp.formula
HEM non-polymer 'PROTOPORPHYRIN IX CONTAINING FE' 'C34 H32 Fe N4 O4'
#
# COMPACT_ATOMS: atom_id res chain seq x y z
N ASP A 13 24.25 9.33 -5.01
CA ASP A 13 24.42 8.16 -5.88
C ASP A 13 24.30 8.58 -7.35
N PRO A 14 25.21 8.06 -8.18
CA PRO A 14 25.23 8.49 -9.59
C PRO A 14 24.02 8.06 -10.39
N LEU A 15 23.41 6.92 -10.05
CA LEU A 15 22.27 6.41 -10.81
C LEU A 15 20.94 6.71 -10.14
N PHE A 16 20.79 6.38 -8.85
CA PHE A 16 19.48 6.40 -8.20
C PHE A 16 19.57 7.15 -6.87
N SER A 17 18.94 8.32 -6.82
CA SER A 17 18.81 9.10 -5.59
C SER A 17 17.33 9.20 -5.27
N PRO A 18 16.78 8.34 -4.42
CA PRO A 18 15.32 8.29 -4.25
C PRO A 18 14.72 9.55 -3.64
N LEU A 19 15.47 10.29 -2.83
CA LEU A 19 14.96 11.49 -2.18
C LEU A 19 15.45 12.77 -2.86
N ASP A 20 16.02 12.65 -4.05
CA ASP A 20 16.33 13.81 -4.86
C ASP A 20 15.03 14.49 -5.30
N PRO A 21 14.89 15.80 -5.13
CA PRO A 21 13.63 16.47 -5.52
C PRO A 21 13.19 16.20 -6.95
N ALA A 22 14.09 16.30 -7.93
CA ALA A 22 13.70 16.00 -9.31
C ALA A 22 13.33 14.53 -9.47
N VAL A 23 13.89 13.65 -8.63
CA VAL A 23 13.55 12.23 -8.70
C VAL A 23 12.18 11.98 -8.09
N LEU A 24 11.88 12.60 -6.95
CA LEU A 24 10.54 12.49 -6.37
C LEU A 24 9.48 12.98 -7.34
N ALA A 25 9.78 14.03 -8.09
CA ALA A 25 8.79 14.59 -9.01
C ALA A 25 8.32 13.54 -10.01
N ASP A 26 9.23 12.72 -10.49
CA ASP A 26 8.89 11.64 -11.42
C ASP A 26 9.99 10.60 -11.39
N PRO A 27 9.88 9.56 -10.55
CA PRO A 27 10.95 8.57 -10.44
C PRO A 27 10.98 7.57 -11.58
N TYR A 28 9.96 7.53 -12.39
CA TYR A 28 9.81 6.39 -13.28
C TYR A 28 10.84 6.42 -14.42
N PRO A 29 11.14 7.58 -15.03
CA PRO A 29 12.27 7.60 -15.99
C PRO A 29 13.59 7.18 -15.34
N VAL A 30 13.80 7.55 -14.08
CA VAL A 30 15.00 7.12 -13.38
C VAL A 30 14.98 5.62 -13.14
N TYR A 31 13.83 5.07 -12.77
CA TYR A 31 13.71 3.62 -12.68
C TYR A 31 14.04 2.97 -14.03
N ARG A 32 13.56 3.55 -15.12
CA ARG A 32 13.72 2.92 -16.44
C ARG A 32 15.19 2.81 -16.81
N ARG A 33 15.93 3.93 -16.76
CA ARG A 33 17.36 3.90 -17.06
C ARG A 33 18.09 2.94 -16.14
N LEU A 34 17.78 2.95 -14.84
CA LEU A 34 18.40 1.99 -13.95
C LEU A 34 18.11 0.57 -14.39
N ARG A 35 16.86 0.28 -14.76
CA ARG A 35 16.52 -1.05 -15.25
C ARG A 35 17.29 -1.38 -16.53
N GLU A 36 17.47 -0.38 -17.41
CA GLU A 36 18.08 -0.61 -18.72
C GLU A 36 19.58 -0.90 -18.60
N THR A 37 20.27 -0.28 -17.63
CA THR A 37 21.72 -0.38 -17.52
C THR A 37 22.16 -1.38 -16.46
N HIS A 38 21.59 -1.30 -15.25
CA HIS A 38 21.92 -2.20 -14.15
C HIS A 38 20.63 -2.68 -13.50
N PRO A 39 19.96 -3.65 -14.10
CA PRO A 39 18.70 -4.15 -13.52
C PRO A 39 18.88 -4.80 -12.15
N VAL A 40 20.10 -5.18 -11.79
CA VAL A 40 20.43 -5.67 -10.45
C VAL A 40 21.62 -4.83 -10.00
N TYR A 41 21.37 -3.88 -9.11
CA TYR A 41 22.29 -2.78 -8.89
C TYR A 41 22.62 -2.65 -7.42
N TRP A 42 23.91 -2.62 -7.10
CA TRP A 42 24.33 -2.40 -5.72
C TRP A 42 24.33 -0.90 -5.45
N HIS A 43 23.57 -0.50 -4.42
CA HIS A 43 23.46 0.90 -4.02
C HIS A 43 24.16 1.05 -2.68
N ALA A 44 25.36 1.67 -2.70
CA ALA A 44 26.12 1.84 -1.46
C ALA A 44 25.38 2.73 -0.47
N GLY A 45 24.72 3.79 -0.97
CA GLY A 45 23.98 4.67 -0.08
C GLY A 45 22.96 3.92 0.75
N LEU A 46 22.11 3.13 0.09
CA LEU A 46 21.06 2.39 0.77
C LEU A 46 21.54 1.07 1.35
N ASP A 47 22.80 0.69 1.10
CA ASP A 47 23.37 -0.56 1.59
C ASP A 47 22.49 -1.75 1.20
N SER A 48 22.09 -1.77 -0.07
CA SER A 48 21.18 -2.80 -0.55
C SER A 48 21.31 -2.95 -2.05
N TRP A 49 21.14 -4.17 -2.52
CA TRP A 49 20.88 -4.42 -3.92
C TRP A 49 19.53 -3.84 -4.31
N LEU A 50 19.42 -3.42 -5.58
CA LEU A 50 18.20 -2.83 -6.11
C LEU A 50 17.80 -3.59 -7.37
N MET A 51 16.72 -4.36 -7.28
CA MET A 51 16.19 -5.14 -8.40
C MET A 51 15.02 -4.39 -9.02
N THR A 52 15.10 -4.07 -10.31
CA THR A 52 14.06 -3.31 -10.98
C THR A 52 13.26 -4.12 -12.01
N ARG A 53 13.52 -5.42 -12.14
CA ARG A 53 12.78 -6.26 -13.08
C ARG A 53 11.72 -7.10 -12.39
N HIS A 54 10.61 -7.30 -13.10
CA HIS A 54 9.47 -8.05 -12.56
C HIS A 54 9.88 -9.46 -12.15
N ALA A 55 10.66 -10.15 -13.00
CA ALA A 55 11.03 -11.53 -12.71
C ALA A 55 11.86 -11.64 -11.44
N ASP A 56 12.81 -10.71 -11.25
CA ASP A 56 13.66 -10.75 -10.06
C ASP A 56 12.85 -10.43 -8.80
N CYS A 57 12.01 -9.40 -8.87
CA CYS A 57 11.20 -9.06 -7.70
C CYS A 57 10.27 -10.21 -7.32
N THR A 58 9.65 -10.87 -8.30
CA THR A 58 8.80 -12.02 -8.02
C THR A 58 9.59 -13.09 -7.28
N ALA A 59 10.80 -13.40 -7.75
CA ALA A 59 11.62 -14.39 -7.08
C ALA A 59 11.97 -13.98 -5.65
N ILE A 60 12.29 -12.70 -5.45
CA ILE A 60 12.64 -12.24 -4.11
C ILE A 60 11.48 -12.49 -3.14
N LEU A 61 10.24 -12.31 -3.59
CA LEU A 61 9.12 -12.36 -2.66
C LEU A 61 8.61 -13.76 -2.40
N ARG A 62 9.07 -14.75 -3.17
CA ARG A 62 8.48 -16.09 -3.15
C ARG A 62 9.39 -17.14 -2.52
N ASP A 63 10.43 -16.71 -1.79
CA ASP A 63 11.38 -17.64 -1.17
C ASP A 63 11.80 -17.05 0.17
N PRO A 64 10.95 -17.18 1.19
CA PRO A 64 11.32 -16.67 2.53
C PRO A 64 12.59 -17.30 3.07
N GLY A 65 12.83 -18.59 2.78
CA GLY A 65 14.06 -19.22 3.23
C GLY A 65 15.29 -18.62 2.62
N ARG A 66 15.15 -17.92 1.49
CA ARG A 66 16.27 -17.23 0.87
C ARG A 66 16.24 -15.72 1.08
N PHE A 67 15.05 -15.11 1.16
CA PHE A 67 14.91 -13.68 1.34
C PHE A 67 13.85 -13.42 2.41
N SER A 68 14.29 -12.99 3.59
CA SER A 68 13.46 -12.99 4.79
C SER A 68 13.03 -11.57 5.18
N THR A 69 11.86 -11.47 5.81
CA THR A 69 11.44 -10.21 6.44
C THR A 69 11.95 -10.09 7.87
N ASP A 70 12.57 -11.14 8.42
CA ASP A 70 12.99 -11.19 9.81
C ASP A 70 14.49 -10.89 9.82
N PHE A 71 14.84 -9.62 9.96
CA PHE A 71 16.23 -9.21 9.86
C PHE A 71 17.06 -9.65 11.05
N ARG A 72 16.42 -10.18 12.10
CA ARG A 72 17.16 -10.85 13.17
C ARG A 72 18.03 -11.97 12.62
N LYS A 73 17.60 -12.62 11.53
CA LYS A 73 18.37 -13.71 10.95
C LYS A 73 19.66 -13.24 10.29
N ILE A 74 19.85 -11.93 10.11
CA ILE A 74 21.17 -11.40 9.74
C ILE A 74 21.65 -10.49 10.86
N ASP A 75 21.23 -10.81 12.09
CA ASP A 75 21.77 -10.21 13.31
C ASP A 75 21.50 -8.71 13.41
N ILE A 76 20.31 -8.29 12.98
CA ILE A 76 19.77 -6.97 13.27
C ILE A 76 18.59 -7.16 14.20
N PRO A 77 18.60 -6.56 15.39
CA PRO A 77 17.53 -6.79 16.35
C PRO A 77 16.25 -6.05 15.97
N THR A 78 15.13 -6.66 16.31
CA THR A 78 13.84 -6.05 16.05
C THR A 78 13.35 -5.31 17.28
N PRO A 79 13.09 -4.00 17.19
CA PRO A 79 12.40 -3.30 18.27
C PRO A 79 11.17 -4.06 18.73
N PRO A 80 11.04 -4.30 20.04
CA PRO A 80 9.96 -5.17 20.53
C PRO A 80 8.58 -4.73 20.10
N THR A 81 8.34 -3.43 19.98
CA THR A 81 7.05 -2.92 19.52
C THR A 81 6.85 -3.08 18.02
N LEU A 82 7.85 -3.60 17.29
CA LEU A 82 7.72 -3.84 15.85
C LEU A 82 7.72 -5.31 15.47
N LEU A 83 7.86 -6.23 16.43
CA LEU A 83 7.77 -7.65 16.11
C LEU A 83 6.31 -8.01 15.87
N SER A 84 6.00 -8.49 14.67
CA SER A 84 4.61 -8.66 14.27
C SER A 84 4.56 -9.59 13.05
N LEU A 85 3.34 -9.82 12.58
CA LEU A 85 3.07 -10.53 11.35
C LEU A 85 4.01 -10.10 10.23
N GLN A 86 4.23 -8.79 10.14
CA GLN A 86 5.02 -8.22 9.04
C GLN A 86 6.48 -8.63 9.12
N THR A 87 7.03 -8.72 10.34
CA THR A 87 8.45 -8.91 10.52
C THR A 87 8.79 -10.32 11.01
N LEU A 88 7.90 -11.28 10.75
CA LEU A 88 8.12 -12.69 11.02
C LEU A 88 8.02 -13.46 9.71
N ASP A 89 8.62 -14.62 9.66
CA ASP A 89 8.46 -15.53 8.53
C ASP A 89 8.03 -16.88 9.06
N PRO A 90 7.52 -17.75 8.20
CA PRO A 90 7.15 -19.08 8.66
C PRO A 90 8.34 -19.76 9.32
N PRO A 91 8.09 -20.60 10.33
CA PRO A 91 6.77 -20.98 10.82
C PRO A 91 6.23 -19.99 11.85
N ASP A 92 7.09 -19.04 12.25
CA ASP A 92 6.72 -18.08 13.28
C ASP A 92 5.51 -17.27 12.85
N GLN A 93 5.52 -16.80 11.60
CA GLN A 93 4.45 -15.95 11.10
C GLN A 93 3.14 -16.71 10.90
N THR A 94 3.23 -18.01 10.68
CA THR A 94 2.09 -18.76 10.13
C THR A 94 0.82 -18.66 10.96
N PRO A 95 0.81 -18.87 12.29
CA PRO A 95 -0.46 -18.80 13.02
C PRO A 95 -1.13 -17.45 12.89
N LEU A 96 -0.33 -16.38 12.94
CA LEU A 96 -0.85 -15.03 12.82
C LEU A 96 -1.39 -14.78 11.42
N ARG A 97 -0.62 -15.16 10.41
CA ARG A 97 -1.07 -15.01 9.02
C ARG A 97 -2.43 -15.65 8.81
N HIS A 98 -2.60 -16.88 9.30
CA HIS A 98 -3.86 -17.58 9.13
C HIS A 98 -4.97 -16.95 9.96
N LEU A 99 -4.65 -16.50 11.17
CA LEU A 99 -5.67 -15.82 11.98
C LEU A 99 -6.13 -14.55 11.29
N ALA A 100 -5.20 -13.79 10.72
CA ALA A 100 -5.58 -12.55 10.03
C ALA A 100 -6.36 -12.86 8.75
N LEU A 101 -5.89 -13.85 7.99
CA LEU A 101 -6.65 -14.32 6.84
C LEU A 101 -8.08 -14.68 7.23
N ASP A 102 -8.23 -15.47 8.29
CA ASP A 102 -9.54 -15.93 8.72
C ASP A 102 -10.44 -14.77 9.15
N ALA A 103 -9.91 -13.82 9.92
CA ALA A 103 -10.75 -12.71 10.38
C ALA A 103 -11.12 -11.79 9.22
N VAL A 104 -10.20 -11.56 8.29
CA VAL A 104 -10.51 -10.74 7.11
C VAL A 104 -11.59 -11.41 6.27
N ARG A 105 -11.44 -12.69 5.96
CA ARG A 105 -12.41 -13.28 5.05
C ARG A 105 -13.79 -13.43 5.68
N ALA A 106 -13.89 -13.36 7.02
CA ALA A 106 -15.21 -13.41 7.63
C ALA A 106 -16.00 -12.11 7.43
N GLN A 107 -15.38 -11.06 6.89
CA GLN A 107 -16.09 -9.79 6.76
C GLN A 107 -16.96 -9.79 5.51
N ASP A 108 -18.02 -8.99 5.55
CA ASP A 108 -19.01 -8.91 4.47
C ASP A 108 -18.63 -7.78 3.53
N LEU A 109 -17.96 -8.11 2.43
CA LEU A 109 -17.48 -7.06 1.52
C LEU A 109 -18.61 -6.39 0.76
N ASP A 110 -19.73 -7.09 0.52
CA ASP A 110 -20.87 -6.43 -0.11
C ASP A 110 -21.42 -5.32 0.79
N ALA A 111 -21.57 -5.59 2.10
CA ALA A 111 -21.99 -4.53 3.01
C ALA A 111 -20.97 -3.39 3.04
N LEU A 112 -19.68 -3.71 2.99
CA LEU A 112 -18.66 -2.67 3.03
C LEU A 112 -18.75 -1.77 1.80
N ARG A 113 -18.86 -2.37 0.61
CA ARG A 113 -19.01 -1.58 -0.61
CA ARG A 113 -19.01 -1.58 -0.61
C ARG A 113 -20.22 -0.67 -0.53
N LYS A 114 -21.36 -1.20 -0.06
CA LYS A 114 -22.57 -0.40 0.03
C LYS A 114 -22.37 0.82 0.93
N GLU A 115 -21.78 0.63 2.09
CA GLU A 115 -21.69 1.78 2.99
C GLU A 115 -20.60 2.75 2.56
N LEU A 116 -19.53 2.25 1.91
CA LEU A 116 -18.51 3.16 1.40
C LEU A 116 -19.02 3.95 0.20
N THR A 117 -19.91 3.36 -0.60
CA THR A 117 -20.49 4.09 -1.74
C THR A 117 -21.27 5.30 -1.24
N LEU A 118 -22.09 5.11 -0.21
CA LEU A 118 -22.80 6.23 0.39
C LEU A 118 -21.84 7.28 0.95
N PHE A 119 -20.79 6.82 1.65
CA PHE A 119 -19.88 7.78 2.27
C PHE A 119 -19.12 8.57 1.22
N ALA A 120 -18.64 7.92 0.16
CA ALA A 120 -17.94 8.64 -0.88
C ALA A 120 -18.83 9.70 -1.53
N ASP A 121 -20.10 9.37 -1.78
CA ASP A 121 -21.01 10.32 -2.41
C ASP A 121 -21.25 11.54 -1.54
N GLN A 122 -21.45 11.33 -0.24
CA GLN A 122 -21.71 12.49 0.61
C GLN A 122 -20.45 13.33 0.82
N LEU A 123 -19.28 12.71 0.82
CA LEU A 123 -18.03 13.47 0.90
C LEU A 123 -17.90 14.41 -0.29
N LEU A 124 -18.06 13.87 -1.51
CA LEU A 124 -17.86 14.67 -2.70
C LEU A 124 -19.00 15.64 -2.92
N ASP A 125 -20.22 15.29 -2.51
CA ASP A 125 -21.33 16.24 -2.61
C ASP A 125 -21.05 17.49 -1.81
N GLU A 126 -20.47 17.33 -0.61
CA GLU A 126 -20.11 18.50 0.19
C GLU A 126 -18.94 19.25 -0.43
N LEU A 127 -18.00 18.53 -1.05
CA LEU A 127 -16.86 19.18 -1.68
C LEU A 127 -17.19 19.76 -3.06
N ALA A 128 -18.34 19.40 -3.65
CA ALA A 128 -18.74 20.01 -4.91
C ALA A 128 -18.93 21.52 -4.79
N ASP A 129 -19.32 22.00 -3.60
CA ASP A 129 -19.59 23.42 -3.41
C ASP A 129 -18.30 24.25 -3.42
N ARG A 130 -17.19 23.68 -2.97
CA ARG A 130 -15.90 24.34 -3.11
C ARG A 130 -15.56 24.52 -4.58
N GLU A 131 -14.73 25.50 -4.87
CA GLU A 131 -14.18 25.64 -6.21
C GLU A 131 -12.77 25.11 -6.32
N SER A 132 -12.15 24.73 -5.20
CA SER A 132 -10.82 24.15 -5.20
C SER A 132 -10.51 23.56 -3.83
N PHE A 133 -10.19 22.29 -3.77
CA PHE A 133 -9.90 21.63 -2.50
C PHE A 133 -8.77 20.64 -2.70
N ASP A 134 -8.18 20.21 -1.58
CA ASP A 134 -7.14 19.18 -1.61
C ASP A 134 -7.81 17.80 -1.55
N PHE A 135 -7.74 17.06 -2.66
CA PHE A 135 -8.25 15.69 -2.69
C PHE A 135 -7.61 14.81 -1.63
N ILE A 136 -6.34 15.06 -1.30
CA ILE A 136 -5.67 14.23 -0.30
C ILE A 136 -6.28 14.47 1.08
N HIS A 137 -6.21 15.71 1.58
CA HIS A 137 -6.72 15.97 2.93
C HIS A 137 -8.22 15.73 3.03
N ASP A 138 -8.98 16.15 2.01
CA ASP A 138 -10.42 16.22 2.12
C ASP A 138 -11.14 14.96 1.67
N TYR A 139 -10.51 14.14 0.82
CA TYR A 139 -11.12 12.87 0.41
C TYR A 139 -10.26 11.67 0.76
N ALA A 140 -9.04 11.55 0.20
CA ALA A 140 -8.29 10.30 0.33
C ALA A 140 -8.08 9.91 1.80
N ASP A 141 -7.61 10.85 2.62
CA ASP A 141 -7.37 10.54 4.03
C ASP A 141 -8.68 10.26 4.76
N VAL A 142 -9.70 11.10 4.53
CA VAL A 142 -10.98 10.95 5.22
C VAL A 142 -11.65 9.64 4.83
N PHE A 143 -11.65 9.34 3.51
CA PHE A 143 -12.31 8.15 3.01
C PHE A 143 -11.61 6.87 3.51
N THR A 144 -10.28 6.82 3.43
CA THR A 144 -9.60 5.59 3.83
C THR A 144 -9.64 5.39 5.34
N LEU A 145 -9.62 6.48 6.11
CA LEU A 145 -9.69 6.34 7.55
C LEU A 145 -11.05 5.84 7.97
N ARG A 146 -12.10 6.33 7.32
CA ARG A 146 -13.43 5.80 7.55
C ARG A 146 -13.49 4.31 7.23
N ALA A 147 -12.94 3.92 6.07
CA ALA A 147 -13.00 2.52 5.64
C ALA A 147 -12.27 1.61 6.62
N ILE A 148 -11.04 1.98 7.01
CA ILE A 148 -10.27 1.07 7.84
C ILE A 148 -10.84 0.99 9.26
N THR A 149 -11.40 2.08 9.80
CA THR A 149 -11.96 1.98 11.15
C THR A 149 -13.24 1.16 11.13
N ARG A 150 -14.03 1.30 10.08
CA ARG A 150 -15.25 0.50 9.98
C ARG A 150 -14.92 -0.97 9.70
N PHE A 151 -13.90 -1.23 8.86
CA PHE A 151 -13.53 -2.61 8.56
C PHE A 151 -12.95 -3.32 9.79
N ILE A 152 -12.08 -2.64 10.54
CA ILE A 152 -11.53 -3.25 11.75
C ILE A 152 -12.60 -3.32 12.84
N GLY A 153 -13.54 -2.38 12.84
CA GLY A 153 -14.61 -2.36 13.81
C GLY A 153 -14.26 -1.59 15.08
N VAL A 154 -13.52 -0.48 14.93
CA VAL A 154 -13.20 0.38 16.07
C VAL A 154 -13.61 1.81 15.75
N GLU A 155 -13.75 2.60 16.81
CA GLU A 155 -14.12 4.00 16.73
C GLU A 155 -12.90 4.90 16.94
N PRO A 156 -12.76 5.94 16.13
CA PRO A 156 -11.67 6.91 16.34
C PRO A 156 -11.74 7.50 17.74
N PRO A 157 -10.61 7.60 18.44
CA PRO A 157 -10.63 8.22 19.76
C PRO A 157 -11.00 9.70 19.64
N GLU A 158 -11.87 10.16 20.54
CA GLU A 158 -12.31 11.56 20.45
C GLU A 158 -11.12 12.52 20.55
N THR A 159 -10.13 12.20 21.39
CA THR A 159 -8.99 13.10 21.54
C THR A 159 -7.98 13.00 20.40
N ASP A 160 -8.14 12.04 19.49
CA ASP A 160 -7.31 12.03 18.30
C ASP A 160 -8.07 11.34 17.16
N GLU A 161 -9.11 12.00 16.67
CA GLU A 161 -10.02 11.36 15.74
C GLU A 161 -9.37 11.05 14.41
N ALA A 162 -8.28 11.76 14.06
CA ALA A 162 -7.56 11.47 12.82
C ALA A 162 -6.41 10.49 13.01
N PHE A 163 -6.22 9.93 14.21
CA PHE A 163 -5.11 9.03 14.53
C PHE A 163 -3.76 9.68 14.22
N ALA A 164 -3.70 11.00 14.41
CA ALA A 164 -2.55 11.80 13.99
C ALA A 164 -1.31 11.48 14.80
N ARG A 165 -1.45 11.06 16.06
CA ARG A 165 -0.27 10.72 16.84
C ARG A 165 0.50 9.53 16.27
N PHE A 166 -0.15 8.69 15.47
CA PHE A 166 0.39 7.38 15.14
C PHE A 166 0.96 7.30 13.72
N ASN A 167 1.00 8.41 12.98
CA ASN A 167 1.68 8.42 11.69
C ASN A 167 3.19 8.22 11.83
N GLU A 184 11.23 8.46 23.64
CA GLU A 184 11.07 8.77 22.22
C GLU A 184 9.58 8.98 21.90
N PRO A 185 9.25 10.03 21.14
CA PRO A 185 7.86 10.23 20.75
C PRO A 185 7.29 9.11 19.90
N GLY A 186 8.11 8.53 19.02
CA GLY A 186 7.66 7.37 18.25
C GLY A 186 7.38 6.18 19.14
N LEU A 187 8.29 5.90 20.08
CA LEU A 187 8.05 4.84 21.05
C LEU A 187 6.80 5.13 21.88
N ARG A 188 6.63 6.39 22.32
CA ARG A 188 5.46 6.71 23.12
C ARG A 188 4.18 6.56 22.30
N ALA A 189 4.22 6.94 21.01
CA ALA A 189 3.02 6.82 20.20
C ALA A 189 2.65 5.36 19.96
N ARG A 190 3.65 4.49 19.77
CA ARG A 190 3.37 3.07 19.61
C ARG A 190 2.78 2.49 20.88
N ALA A 191 3.29 2.92 22.05
CA ALA A 191 2.78 2.38 23.31
C ALA A 191 1.37 2.86 23.58
N HIS A 192 1.02 4.07 23.15
CA HIS A 192 -0.34 4.57 23.31
C HIS A 192 -1.30 3.79 22.41
N PHE A 193 -0.90 3.60 21.14
CA PHE A 193 -1.71 2.79 20.21
C PHE A 193 -1.88 1.37 20.74
N ASN A 194 -0.79 0.79 21.26
CA ASN A 194 -0.89 -0.55 21.84
C ASN A 194 -1.88 -0.59 23.01
N ASP A 195 -1.86 0.45 23.86
CA ASP A 195 -2.87 0.57 24.91
C ASP A 195 -4.28 0.55 24.32
N LEU A 196 -4.51 1.34 23.26
CA LEU A 196 -5.82 1.34 22.62
C LEU A 196 -6.19 -0.04 22.10
N VAL A 197 -5.23 -0.72 21.45
CA VAL A 197 -5.52 -2.03 20.87
C VAL A 197 -5.94 -3.02 21.95
N ARG A 198 -5.24 -3.00 23.09
CA ARG A 198 -5.58 -3.93 24.17
C ARG A 198 -6.97 -3.65 24.72
N SER A 199 -7.36 -2.38 24.81
CA SER A 199 -8.70 -2.05 25.28
C SER A 199 -9.76 -2.52 24.28
N TRP A 200 -9.47 -2.41 22.97
CA TRP A 200 -10.37 -2.95 21.95
C TRP A 200 -10.50 -4.46 22.07
N LEU A 201 -9.36 -5.14 22.21
CA LEU A 201 -9.40 -6.60 22.33
C LEU A 201 -10.18 -7.03 23.56
N GLY A 202 -10.07 -6.26 24.64
CA GLY A 202 -10.79 -6.61 25.85
C GLY A 202 -12.27 -6.31 25.81
N ASP A 203 -12.72 -5.46 24.89
CA ASP A 203 -14.11 -4.99 24.84
C ASP A 203 -14.53 -4.78 23.39
N PRO A 204 -14.49 -5.84 22.57
CA PRO A 204 -14.68 -5.65 21.12
C PRO A 204 -16.09 -5.22 20.76
N GLY A 205 -16.19 -4.47 19.66
CA GLY A 205 -17.46 -4.02 19.16
C GLY A 205 -18.26 -5.12 18.49
N PRO A 206 -19.44 -4.75 17.98
CA PRO A 206 -20.35 -5.77 17.42
C PRO A 206 -19.93 -6.34 16.07
N HIS A 207 -18.97 -5.76 15.36
CA HIS A 207 -18.57 -6.31 14.06
C HIS A 207 -17.16 -5.89 13.72
N GLY A 208 -16.58 -6.58 12.74
CA GLY A 208 -15.34 -6.13 12.14
C GLY A 208 -14.22 -7.14 12.33
N VAL A 209 -13.08 -6.81 11.73
CA VAL A 209 -11.92 -7.70 11.78
C VAL A 209 -11.50 -7.94 13.22
N LEU A 210 -11.41 -6.89 14.05
CA LEU A 210 -10.90 -7.10 15.41
C LEU A 210 -11.85 -7.97 16.25
N PRO A 211 -13.17 -7.74 16.27
CA PRO A 211 -14.04 -8.66 17.02
C PRO A 211 -13.99 -10.09 16.53
N ASP A 212 -13.75 -10.30 15.23
CA ASP A 212 -13.60 -11.68 14.78
C ASP A 212 -12.26 -12.25 15.20
N VAL A 213 -11.21 -11.42 15.27
CA VAL A 213 -9.94 -11.88 15.81
C VAL A 213 -10.14 -12.38 17.24
N VAL A 214 -10.86 -11.61 18.04
CA VAL A 214 -11.15 -12.03 19.42
C VAL A 214 -11.89 -13.36 19.44
N ARG A 215 -12.91 -13.51 18.58
CA ARG A 215 -13.66 -14.76 18.51
C ARG A 215 -12.79 -15.93 18.06
N LEU A 216 -11.87 -15.68 17.11
CA LEU A 216 -11.09 -16.76 16.52
C LEU A 216 -9.82 -17.11 17.30
N LEU A 217 -9.40 -16.26 18.25
CA LEU A 217 -8.14 -16.50 18.96
C LEU A 217 -8.06 -17.84 19.67
N PRO A 218 -9.09 -18.30 20.39
CA PRO A 218 -8.97 -19.62 21.05
C PRO A 218 -8.89 -20.73 20.01
N GLY A 219 -7.77 -21.46 20.02
CA GLY A 219 -7.56 -22.53 19.07
C GLY A 219 -6.90 -22.11 17.77
N SER A 220 -6.47 -20.85 17.66
CA SER A 220 -5.78 -20.36 16.49
C SER A 220 -4.29 -20.60 16.53
N GLY A 221 -3.77 -21.09 17.66
CA GLY A 221 -2.34 -21.15 17.85
C GLY A 221 -1.66 -19.81 18.01
N VAL A 222 -2.42 -18.72 18.15
CA VAL A 222 -1.88 -17.38 18.34
C VAL A 222 -2.11 -16.99 19.80
N GLU A 223 -1.06 -16.46 20.43
CA GLU A 223 -1.16 -15.92 21.78
C GLU A 223 -1.53 -14.44 21.74
N ALA A 224 -2.38 -14.02 22.67
CA ALA A 224 -2.74 -12.61 22.78
C ALA A 224 -1.66 -11.90 23.59
N ASP A 225 -0.49 -11.79 22.96
CA ASP A 225 0.67 -11.15 23.56
C ASP A 225 1.00 -9.88 22.78
N ASP A 226 2.23 -9.38 22.96
CA ASP A 226 2.61 -8.14 22.29
C ASP A 226 2.74 -8.32 20.78
N VAL A 227 3.07 -9.52 20.31
CA VAL A 227 3.17 -9.72 18.86
C VAL A 227 1.81 -9.54 18.21
N LEU A 228 0.75 -10.06 18.84
CA LEU A 228 -0.58 -9.86 18.31
C LEU A 228 -0.96 -8.38 18.32
N VAL A 229 -0.71 -7.72 19.45
CA VAL A 229 -1.02 -6.30 19.57
C VAL A 229 -0.28 -5.49 18.51
N ASN A 230 1.03 -5.72 18.36
CA ASN A 230 1.80 -5.06 17.30
C ASN A 230 1.23 -5.36 15.91
N SER A 231 0.68 -6.55 15.73
CA SER A 231 0.13 -6.93 14.43
C SER A 231 -1.14 -6.14 14.13
N VAL A 232 -1.96 -5.86 15.15
CA VAL A 232 -3.14 -5.03 14.92
C VAL A 232 -2.72 -3.63 14.51
N ARG A 233 -1.72 -3.06 15.19
CA ARG A 233 -1.19 -1.77 14.78
C ARG A 233 -0.71 -1.80 13.33
N ALA A 234 0.04 -2.84 12.96
CA ALA A 234 0.57 -2.92 11.61
C ALA A 234 -0.56 -3.07 10.59
N PHE A 235 -1.60 -3.83 10.95
CA PHE A 235 -2.77 -3.98 10.08
C PHE A 235 -3.43 -2.63 9.83
N PHE A 236 -3.64 -1.84 10.88
CA PHE A 236 -4.24 -0.51 10.72
C PHE A 236 -3.45 0.32 9.72
N HIS A 237 -2.13 0.39 9.91
CA HIS A 237 -1.33 1.20 9.00
C HIS A 237 -1.33 0.65 7.59
N ALA A 238 -1.29 -0.67 7.45
CA ALA A 238 -1.35 -1.25 6.10
C ALA A 238 -2.65 -0.87 5.41
N GLY A 239 -3.73 -0.72 6.18
CA GLY A 239 -5.03 -0.41 5.64
C GLY A 239 -5.39 1.05 5.66
N PHE A 240 -4.44 1.94 5.95
CA PHE A 240 -4.71 3.37 6.03
C PHE A 240 -3.80 4.17 5.11
N GLU A 241 -2.53 4.35 5.46
CA GLU A 241 -1.67 5.19 4.63
C GLU A 241 -1.49 4.60 3.24
N VAL A 242 -1.46 3.27 3.11
CA VAL A 242 -1.18 2.68 1.80
C VAL A 242 -2.33 2.97 0.84
N PRO A 243 -3.59 2.57 1.14
CA PRO A 243 -4.68 2.92 0.20
C PRO A 243 -4.87 4.41 0.02
N SER A 244 -4.65 5.22 1.07
CA SER A 244 -4.81 6.66 0.91
C SER A 244 -3.86 7.19 -0.16
N ARG A 245 -2.61 6.77 -0.13
CA ARG A 245 -1.66 7.24 -1.12
C ARG A 245 -1.96 6.68 -2.49
N PHE A 246 -2.45 5.44 -2.57
CA PHE A 246 -2.85 4.93 -3.88
C PHE A 246 -3.95 5.80 -4.48
N LEU A 247 -4.97 6.14 -3.70
CA LEU A 247 -6.09 6.88 -4.28
C LEU A 247 -5.62 8.20 -4.88
N GLY A 248 -4.72 8.91 -4.17
CA GLY A 248 -4.17 10.15 -4.72
C GLY A 248 -3.30 9.92 -5.94
N ASN A 249 -2.40 8.92 -5.89
CA ASN A 249 -1.57 8.62 -7.06
C ASN A 249 -2.43 8.32 -8.27
N ALA A 250 -3.47 7.52 -8.08
CA ALA A 250 -4.30 7.08 -9.18
C ALA A 250 -5.01 8.25 -9.84
N LEU A 251 -5.61 9.14 -9.03
CA LEU A 251 -6.30 10.27 -9.64
C LEU A 251 -5.31 11.20 -10.33
N ALA A 252 -4.16 11.44 -9.70
CA ALA A 252 -3.15 12.29 -10.32
C ALA A 252 -2.74 11.76 -11.69
N ALA A 253 -2.53 10.44 -11.78
CA ALA A 253 -2.15 9.83 -13.05
C ALA A 253 -3.25 9.98 -14.10
N LEU A 254 -4.50 9.84 -13.69
CA LEU A 254 -5.61 10.01 -14.63
C LEU A 254 -5.68 11.46 -15.11
N LEU A 255 -5.52 12.43 -14.21
CA LEU A 255 -5.63 13.84 -14.61
C LEU A 255 -4.47 14.26 -15.51
N ALA A 256 -3.28 13.67 -15.31
CA ALA A 256 -2.07 14.05 -16.05
C ALA A 256 -1.89 13.24 -17.33
N THR A 257 -2.77 12.29 -17.61
CA THR A 257 -2.66 11.49 -18.84
C THR A 257 -3.74 11.96 -19.79
N PRO A 258 -3.39 12.55 -20.93
CA PRO A 258 -4.41 13.07 -21.85
C PRO A 258 -5.40 11.98 -22.22
N GLY A 259 -6.69 12.31 -22.14
CA GLY A 259 -7.74 11.39 -22.50
C GLY A 259 -8.11 10.34 -21.47
N ALA A 260 -7.29 10.11 -20.45
CA ALA A 260 -7.56 8.98 -19.56
C ALA A 260 -8.85 9.19 -18.77
N TRP A 261 -9.08 10.39 -18.22
CA TRP A 261 -10.33 10.65 -17.52
C TRP A 261 -11.52 10.54 -18.46
N GLU A 262 -11.43 11.16 -19.64
CA GLU A 262 -12.53 11.13 -20.60
C GLU A 262 -12.85 9.71 -21.04
N GLN A 263 -11.86 8.82 -21.07
CA GLN A 263 -12.13 7.42 -21.38
C GLN A 263 -13.05 6.81 -20.32
N LEU A 264 -12.75 7.06 -19.04
CA LEU A 264 -13.63 6.63 -17.97
C LEU A 264 -15.00 7.28 -18.09
N VAL A 265 -15.03 8.58 -18.38
CA VAL A 265 -16.31 9.28 -18.51
C VAL A 265 -17.17 8.66 -19.61
N ARG A 266 -16.54 8.23 -20.69
CA ARG A 266 -17.24 7.67 -21.84
C ARG A 266 -17.68 6.23 -21.63
N GLY A 267 -17.28 5.59 -20.54
CA GLY A 267 -17.55 4.17 -20.40
C GLY A 267 -16.73 3.29 -21.32
N ASP A 268 -15.70 3.83 -21.96
CA ASP A 268 -14.91 3.07 -22.93
C ASP A 268 -14.11 1.95 -22.27
N VAL A 269 -13.79 2.07 -20.98
CA VAL A 269 -13.06 1.03 -20.28
C VAL A 269 -13.80 0.67 -19.00
N GLY A 270 -13.62 -0.57 -18.54
CA GLY A 270 -14.23 -1.01 -17.30
C GLY A 270 -13.42 -0.61 -16.09
N LEU A 271 -14.12 -0.40 -14.97
CA LEU A 271 -13.45 0.10 -13.77
C LEU A 271 -12.52 -0.95 -13.17
N ASP A 272 -12.95 -2.21 -13.09
CA ASP A 272 -12.11 -3.25 -12.53
C ASP A 272 -10.75 -3.29 -13.23
N THR A 273 -10.76 -3.32 -14.56
CA THR A 273 -9.50 -3.38 -15.30
C THR A 273 -8.73 -2.08 -15.19
N ALA A 274 -9.41 -0.93 -15.21
CA ALA A 274 -8.74 0.34 -14.97
C ALA A 274 -8.05 0.35 -13.59
N VAL A 275 -8.70 -0.16 -12.56
CA VAL A 275 -8.09 -0.11 -11.23
C VAL A 275 -6.79 -0.91 -11.21
N GLU A 276 -6.78 -2.08 -11.86
CA GLU A 276 -5.57 -2.89 -11.87
C GLU A 276 -4.46 -2.22 -12.66
N GLU A 277 -4.81 -1.54 -13.76
CA GLU A 277 -3.80 -0.76 -14.48
C GLU A 277 -3.27 0.40 -13.62
N LEU A 278 -4.13 1.04 -12.84
CA LEU A 278 -3.62 2.13 -12.01
C LEU A 278 -2.71 1.61 -10.90
N ILE A 279 -3.01 0.45 -10.34
CA ILE A 279 -2.09 -0.15 -9.36
C ILE A 279 -0.75 -0.44 -10.01
N ARG A 280 -0.77 -1.04 -11.21
CA ARG A 280 0.49 -1.30 -11.89
C ARG A 280 1.23 0.00 -12.17
N TYR A 281 0.52 1.03 -12.61
CA TYR A 281 1.17 2.24 -13.08
C TYR A 281 1.74 3.07 -11.93
N VAL A 282 0.94 3.35 -10.90
CA VAL A 282 1.36 4.25 -9.83
C VAL A 282 0.99 3.71 -8.45
N GLY A 283 0.98 2.39 -8.28
CA GLY A 283 0.81 1.82 -6.96
C GLY A 283 1.80 2.39 -5.97
N PRO A 284 1.37 2.65 -4.74
CA PRO A 284 2.22 3.43 -3.82
C PRO A 284 3.49 2.71 -3.37
N VAL A 285 3.45 1.39 -3.21
CA VAL A 285 4.57 0.69 -2.59
C VAL A 285 5.72 0.63 -3.59
N GLN A 286 6.82 1.31 -3.28
CA GLN A 286 7.96 1.40 -4.19
C GLN A 286 9.04 0.36 -3.90
N ALA A 287 9.16 -0.11 -2.66
CA ALA A 287 10.29 -0.91 -2.24
C ALA A 287 9.87 -1.93 -1.20
N LEU A 288 10.28 -3.17 -1.38
CA LEU A 288 10.07 -4.24 -0.41
C LEU A 288 11.42 -4.84 -0.09
N ALA A 289 11.88 -4.68 1.16
CA ALA A 289 13.21 -5.11 1.56
C ALA A 289 13.18 -6.53 2.12
N ARG A 290 14.23 -7.28 1.81
CA ARG A 290 14.39 -8.64 2.29
C ARG A 290 15.85 -8.86 2.68
N ALA A 291 16.06 -9.77 3.64
CA ALA A 291 17.40 -10.16 4.07
C ALA A 291 17.81 -11.45 3.37
N CYS A 292 18.96 -11.42 2.70
CA CYS A 292 19.47 -12.59 2.00
C CYS A 292 20.04 -13.59 2.99
N LEU A 293 19.56 -14.83 2.92
CA LEU A 293 20.02 -15.87 3.82
C LEU A 293 20.84 -16.97 3.15
N GLN A 294 20.87 -17.00 1.81
CA GLN A 294 21.70 -17.94 1.05
C GLN A 294 22.21 -17.21 -0.18
N ASP A 295 23.50 -17.38 -0.49
CA ASP A 295 24.08 -16.75 -1.69
C ASP A 295 23.20 -17.01 -2.90
N THR A 296 23.05 -16.01 -3.76
CA THR A 296 22.21 -16.13 -4.94
C THR A 296 22.75 -15.28 -6.07
N GLU A 297 22.62 -15.78 -7.29
CA GLU A 297 22.93 -15.02 -8.49
C GLU A 297 21.65 -14.41 -9.04
N LEU A 298 21.65 -13.09 -9.27
CA LEU A 298 20.54 -12.43 -9.93
C LEU A 298 21.08 -11.39 -10.89
N GLY A 299 20.58 -11.41 -12.13
CA GLY A 299 21.10 -10.52 -13.15
C GLY A 299 22.59 -10.65 -13.39
N GLY A 300 23.17 -11.80 -13.07
CA GLY A 300 24.59 -12.02 -13.12
C GLY A 300 25.33 -11.72 -11.83
N MET A 301 24.71 -10.94 -10.93
CA MET A 301 25.37 -10.45 -9.72
C MET A 301 25.26 -11.45 -8.59
N ALA A 302 26.30 -11.51 -7.76
CA ALA A 302 26.38 -12.48 -6.66
C ALA A 302 25.91 -11.80 -5.38
N VAL A 303 24.62 -11.94 -5.07
CA VAL A 303 24.10 -11.49 -3.79
C VAL A 303 24.53 -12.46 -2.71
N LYS A 304 25.05 -11.93 -1.60
CA LYS A 304 25.65 -12.74 -0.56
C LYS A 304 24.76 -12.81 0.67
N GLU A 305 24.83 -13.95 1.36
CA GLU A 305 24.16 -14.09 2.65
C GLU A 305 24.58 -12.93 3.55
N GLY A 306 23.60 -12.37 4.26
CA GLY A 306 23.83 -11.23 5.12
C GLY A 306 23.61 -9.88 4.47
N GLN A 307 23.48 -9.83 3.15
CA GLN A 307 23.19 -8.60 2.44
C GLN A 307 21.68 -8.39 2.32
N VAL A 308 21.30 -7.13 2.09
CA VAL A 308 19.90 -6.78 1.90
C VAL A 308 19.62 -6.64 0.41
N VAL A 309 18.48 -7.18 -0.02
CA VAL A 309 17.97 -6.92 -1.36
C VAL A 309 16.67 -6.12 -1.22
N THR A 310 16.45 -5.24 -2.17
CA THR A 310 15.26 -4.39 -2.22
C THR A 310 14.58 -4.64 -3.55
N ALA A 311 13.38 -5.22 -3.49
CA ALA A 311 12.56 -5.39 -4.69
C ALA A 311 11.84 -4.07 -4.97
N LEU A 312 12.28 -3.36 -6.01
CA LEU A 312 11.67 -2.09 -6.40
C LEU A 312 10.44 -2.37 -7.26
N ILE A 313 9.34 -2.74 -6.57
CA ILE A 313 8.17 -3.25 -7.31
C ILE A 313 7.48 -2.13 -8.08
N GLY A 314 7.62 -0.88 -7.62
CA GLY A 314 7.18 0.23 -8.46
C GLY A 314 7.84 0.22 -9.82
N ALA A 315 9.17 0.02 -9.86
CA ALA A 315 9.87 -0.12 -11.12
C ALA A 315 9.46 -1.40 -11.84
N ALA A 316 9.38 -2.51 -11.10
CA ALA A 316 9.08 -3.80 -11.74
C ALA A 316 7.75 -3.77 -12.46
N ASN A 317 6.81 -2.95 -12.00
CA ASN A 317 5.51 -2.90 -12.66
C ASN A 317 5.52 -2.07 -13.94
N ARG A 318 6.65 -1.45 -14.29
CA ARG A 318 6.84 -0.85 -15.60
C ARG A 318 7.96 -1.55 -16.37
N ASP A 319 8.20 -2.83 -16.07
CA ASP A 319 9.25 -3.61 -16.72
C ASP A 319 8.78 -4.05 -18.10
N PRO A 320 9.45 -3.63 -19.19
CA PRO A 320 8.97 -3.98 -20.52
C PRO A 320 8.98 -5.47 -20.79
N ASP A 321 9.82 -6.23 -20.07
CA ASP A 321 9.87 -7.68 -20.23
C ASP A 321 8.57 -8.34 -19.79
N GLN A 322 7.80 -7.69 -18.92
CA GLN A 322 6.54 -8.25 -18.44
C GLN A 322 5.32 -7.59 -19.06
N PHE A 323 5.39 -6.30 -19.34
CA PHE A 323 4.24 -5.52 -19.79
C PHE A 323 4.60 -4.83 -21.09
N PRO A 324 3.84 -5.06 -22.17
CA PRO A 324 4.12 -4.34 -23.41
C PRO A 324 3.78 -2.88 -23.26
N ASP A 325 4.69 -2.03 -23.76
CA ASP A 325 4.45 -0.60 -23.71
C ASP A 325 4.19 -0.17 -22.27
N PRO A 326 5.14 -0.39 -21.36
CA PRO A 326 4.85 -0.29 -19.93
C PRO A 326 4.74 1.14 -19.40
N GLU A 327 5.37 2.11 -20.05
CA GLU A 327 5.26 3.50 -19.64
C GLU A 327 4.01 4.20 -20.19
N THR A 328 3.15 3.49 -20.90
CA THR A 328 1.87 4.06 -21.36
C THR A 328 0.75 3.57 -20.46
N LEU A 329 -0.10 4.49 -20.04
CA LEU A 329 -1.25 4.12 -19.19
C LEU A 329 -2.32 3.55 -20.10
N ARG A 330 -2.62 2.26 -19.95
N ARG A 330 -2.62 2.26 -19.93
CA ARG A 330 -3.59 1.56 -20.77
CA ARG A 330 -3.58 1.54 -20.76
C ARG A 330 -4.66 0.98 -19.85
C ARG A 330 -4.66 0.98 -19.85
N LEU A 331 -5.73 1.75 -19.64
CA LEU A 331 -6.76 1.38 -18.68
C LEU A 331 -7.46 0.07 -19.02
N ASP A 332 -7.30 -0.43 -20.25
CA ASP A 332 -7.91 -1.69 -20.66
C ASP A 332 -6.93 -2.87 -20.68
N ARG A 333 -5.74 -2.70 -20.09
CA ARG A 333 -4.65 -3.66 -20.25
C ARG A 333 -5.02 -5.05 -19.72
N LYS A 334 -4.82 -6.08 -20.57
CA LYS A 334 -5.08 -7.47 -20.22
C LYS A 334 -4.14 -8.30 -21.08
N PRO A 335 -3.36 -9.23 -20.49
CA PRO A 335 -3.26 -9.51 -19.05
C PRO A 335 -2.50 -8.40 -18.30
N ASN A 336 -2.48 -8.49 -16.98
CA ASN A 336 -1.80 -7.48 -16.18
C ASN A 336 -1.44 -8.14 -14.84
N ASN A 337 -0.29 -8.82 -14.81
CA ASN A 337 0.12 -9.59 -13.64
C ASN A 337 1.05 -8.76 -12.76
N HIS A 338 0.53 -7.60 -12.33
CA HIS A 338 1.35 -6.62 -11.62
C HIS A 338 1.66 -7.10 -10.20
N LEU A 339 2.69 -6.49 -9.62
CA LEU A 339 3.18 -6.82 -8.28
C LEU A 339 2.64 -5.87 -7.20
N GLY A 340 1.69 -5.00 -7.55
CA GLY A 340 1.25 -3.95 -6.64
C GLY A 340 0.70 -4.42 -5.31
N PHE A 341 0.22 -5.67 -5.24
CA PHE A 341 -0.22 -6.27 -3.98
C PHE A 341 0.77 -7.31 -3.45
N GLY A 342 2.02 -7.29 -3.90
CA GLY A 342 3.02 -8.22 -3.41
C GLY A 342 2.76 -9.65 -3.86
N ARG A 343 3.55 -10.57 -3.29
CA ARG A 343 3.51 -11.99 -3.62
C ARG A 343 3.91 -12.81 -2.40
N GLY A 344 3.46 -14.06 -2.39
CA GLY A 344 3.99 -15.03 -1.45
C GLY A 344 3.49 -14.86 -0.03
N ALA A 345 4.37 -15.18 0.92
CA ALA A 345 3.97 -15.34 2.33
C ALA A 345 3.46 -14.05 2.95
N HIS A 346 3.85 -12.89 2.43
CA HIS A 346 3.43 -11.62 3.00
C HIS A 346 2.57 -10.80 2.05
N SER A 347 1.95 -11.45 1.06
CA SER A 347 1.14 -10.71 0.10
C SER A 347 0.00 -9.99 0.81
N CYS A 348 -0.52 -8.96 0.14
CA CYS A 348 -1.50 -8.07 0.77
C CYS A 348 -2.79 -8.81 1.16
N LEU A 349 -3.16 -8.74 2.43
CA LEU A 349 -4.42 -9.34 2.88
C LEU A 349 -5.62 -8.45 2.63
N GLY A 350 -5.43 -7.16 2.43
CA GLY A 350 -6.53 -6.23 2.24
C GLY A 350 -6.82 -5.89 0.79
N LEU A 351 -6.30 -6.70 -0.16
CA LEU A 351 -6.31 -6.26 -1.56
C LEU A 351 -7.73 -6.15 -2.11
N ASN A 352 -8.66 -6.98 -1.64
CA ASN A 352 -10.03 -6.84 -2.13
C ASN A 352 -10.75 -5.67 -1.47
N VAL A 353 -10.35 -5.29 -0.25
CA VAL A 353 -10.82 -4.02 0.30
C VAL A 353 -10.25 -2.85 -0.50
N ALA A 354 -8.96 -2.93 -0.85
CA ALA A 354 -8.33 -1.87 -1.63
C ALA A 354 -9.04 -1.67 -2.96
N ARG A 355 -9.38 -2.79 -3.63
CA ARG A 355 -10.08 -2.71 -4.91
C ARG A 355 -11.46 -2.09 -4.75
N ILE A 356 -12.20 -2.48 -3.71
CA ILE A 356 -13.50 -1.85 -3.46
C ILE A 356 -13.33 -0.35 -3.25
N GLU A 357 -12.34 0.05 -2.45
CA GLU A 357 -12.13 1.47 -2.20
C GLU A 357 -11.87 2.22 -3.50
N ALA A 358 -10.99 1.70 -4.36
CA ALA A 358 -10.68 2.37 -5.61
C ALA A 358 -11.89 2.41 -6.55
N HIS A 359 -12.59 1.28 -6.68
CA HIS A 359 -13.76 1.18 -7.56
C HIS A 359 -14.83 2.17 -7.12
N VAL A 360 -15.11 2.19 -5.81
CA VAL A 360 -16.11 3.13 -5.26
C VAL A 360 -15.68 4.57 -5.50
N THR A 361 -14.40 4.88 -5.28
CA THR A 361 -13.91 6.26 -5.43
C THR A 361 -14.05 6.72 -6.88
N LEU A 362 -13.70 5.88 -7.84
CA LEU A 362 -13.80 6.29 -9.23
C LEU A 362 -15.24 6.51 -9.64
N GLY A 363 -16.11 5.53 -9.34
CA GLY A 363 -17.53 5.69 -9.64
C GLY A 363 -18.11 6.95 -9.02
N ALA A 364 -17.69 7.28 -7.79
CA ALA A 364 -18.22 8.47 -7.14
C ALA A 364 -17.73 9.73 -7.82
N LEU A 365 -16.43 9.79 -8.17
CA LEU A 365 -15.90 10.92 -8.92
C LEU A 365 -16.56 11.03 -10.28
N LEU A 366 -16.87 9.90 -10.92
CA LEU A 366 -17.47 9.94 -12.24
C LEU A 366 -18.88 10.51 -12.23
N ARG A 367 -19.51 10.62 -11.05
CA ARG A 367 -20.79 11.32 -11.00
C ARG A 367 -20.63 12.82 -11.13
N HIS A 368 -19.40 13.32 -11.10
CA HIS A 368 -19.05 14.72 -11.29
C HIS A 368 -18.13 14.80 -12.51
N PRO A 369 -18.67 14.79 -13.71
CA PRO A 369 -17.81 14.65 -14.90
C PRO A 369 -16.77 15.76 -15.03
N GLY A 370 -17.05 16.97 -14.55
CA GLY A 370 -16.13 18.08 -14.71
C GLY A 370 -14.91 18.09 -13.80
N VAL A 371 -14.57 16.95 -13.20
CA VAL A 371 -13.41 16.91 -12.32
C VAL A 371 -12.14 17.26 -13.10
N ARG A 372 -11.34 18.16 -12.55
CA ARG A 372 -10.14 18.60 -13.22
C ARG A 372 -9.17 19.07 -12.17
N SER A 373 -7.89 19.05 -12.51
CA SER A 373 -6.90 19.56 -11.58
C SER A 373 -7.14 21.06 -11.34
N ALA A 374 -6.72 21.52 -10.18
CA ALA A 374 -6.96 22.89 -9.77
C ALA A 374 -5.70 23.48 -9.15
N GLY A 375 -4.55 23.13 -9.71
CA GLY A 375 -3.28 23.54 -9.16
C GLY A 375 -2.28 22.41 -9.25
N GLU A 376 -1.11 22.63 -8.65
CA GLU A 376 -0.07 21.65 -8.85
C GLU A 376 -0.08 20.62 -7.71
N PRO A 377 0.16 19.36 -8.03
CA PRO A 377 0.39 18.38 -6.97
C PRO A 377 1.71 18.67 -6.29
N VAL A 378 1.82 18.23 -5.03
CA VAL A 378 3.11 18.18 -4.36
C VAL A 378 3.30 16.78 -3.80
N VAL A 379 4.50 16.24 -3.97
CA VAL A 379 4.83 14.86 -3.66
C VAL A 379 5.39 14.79 -2.25
N ARG A 380 5.00 13.77 -1.50
CA ARG A 380 5.60 13.56 -0.21
C ARG A 380 7.06 13.16 -0.40
N PRO A 381 7.97 13.65 0.46
CA PRO A 381 9.39 13.23 0.38
C PRO A 381 9.57 11.81 0.90
N ASN A 382 9.09 10.83 0.14
CA ASN A 382 9.13 9.44 0.56
C ASN A 382 9.44 8.60 -0.67
N GLY A 383 10.55 7.87 -0.62
CA GLY A 383 10.92 7.02 -1.73
C GLY A 383 10.51 5.57 -1.57
N THR A 384 9.90 5.23 -0.44
CA THR A 384 9.51 3.87 -0.09
C THR A 384 8.02 3.64 -0.26
N LEU A 385 7.20 4.56 0.22
CA LEU A 385 5.75 4.53 0.01
C LEU A 385 5.39 5.87 -0.61
N ARG A 386 5.19 5.87 -1.92
CA ARG A 386 5.00 7.10 -2.69
C ARG A 386 3.57 7.60 -2.61
N GLY A 387 3.42 8.90 -2.35
CA GLY A 387 2.13 9.55 -2.38
C GLY A 387 2.30 11.05 -2.47
N LEU A 388 1.17 11.74 -2.58
CA LEU A 388 1.12 13.20 -2.62
C LEU A 388 0.68 13.74 -1.27
N SER A 389 1.18 14.93 -0.94
CA SER A 389 0.63 15.62 0.22
C SER A 389 -0.49 16.57 -0.16
N ARG A 390 -0.59 16.98 -1.43
CA ARG A 390 -1.66 17.86 -1.89
C ARG A 390 -2.01 17.50 -3.32
N LEU A 391 -3.30 17.47 -3.62
CA LEU A 391 -3.78 17.21 -4.97
C LEU A 391 -4.93 18.18 -5.22
N PRO A 392 -4.62 19.43 -5.58
CA PRO A 392 -5.66 20.43 -5.80
C PRO A 392 -6.59 20.00 -6.92
N LEU A 393 -7.89 20.05 -6.64
CA LEU A 393 -8.92 19.49 -7.50
C LEU A 393 -10.15 20.36 -7.41
N THR A 394 -10.91 20.37 -8.51
CA THR A 394 -12.29 20.84 -8.48
C THR A 394 -13.16 19.80 -9.17
N LEU A 395 -14.41 19.73 -8.73
CA LEU A 395 -15.34 18.78 -9.31
C LEU A 395 -16.15 19.40 -10.43
N GLY A 396 -15.96 20.68 -10.71
CA GLY A 396 -16.68 21.36 -11.76
C GLY A 396 -18.11 21.69 -11.37
CHA HEM B . 0.82 -6.31 2.73
CHB HEM B . -0.04 -3.32 -1.00
CHC HEM B . -4.27 -1.99 0.99
CHD HEM B . -3.49 -5.08 4.63
C1A HEM B . 0.97 -5.62 1.55
C2A HEM B . 2.07 -5.74 0.62
C3A HEM B . 1.82 -4.92 -0.41
C4A HEM B . 0.55 -4.26 -0.17
CMA HEM B . 2.72 -4.70 -1.64
CAA HEM B . 3.31 -6.66 0.76
CBA HEM B . 4.24 -6.20 1.88
CGA HEM B . 5.47 -7.07 1.93
O1A HEM B . 6.28 -6.89 2.88
O2A HEM B . 5.69 -7.93 1.04
C1B HEM B . -1.26 -2.68 -0.79
C2B HEM B . -1.88 -1.69 -1.66
C3B HEM B . -3.04 -1.32 -1.10
C4B HEM B . -3.19 -2.07 0.13
CMB HEM B . -1.25 -1.17 -2.97
CAB HEM B . -4.09 -0.30 -1.57
CBB HEM B . -4.15 0.20 -2.81
C1C HEM B . -4.45 -2.74 2.14
C2C HEM B . -5.61 -2.70 3.00
C3C HEM B . -5.38 -3.55 4.02
C4C HEM B . -4.08 -4.14 3.82
CMC HEM B . -6.83 -1.79 2.72
CAC HEM B . -6.28 -3.91 5.23
CBC HEM B . -7.58 -3.63 5.29
C1D HEM B . -2.24 -5.64 4.47
C2D HEM B . -1.56 -6.52 5.39
C3D HEM B . -0.37 -6.87 4.86
C4D HEM B . -0.26 -6.20 3.59
CMD HEM B . -2.11 -6.97 6.77
CAD HEM B . 0.71 -7.75 5.53
CBD HEM B . 0.67 -9.21 5.15
CGD HEM B . 1.80 -9.95 5.83
O1D HEM B . 2.85 -9.32 6.14
O2D HEM B . 1.67 -11.19 6.05
NA HEM B . 0.06 -4.71 1.04
NB HEM B . -2.09 -2.89 0.29
NC HEM B . -3.54 -3.63 2.66
ND HEM B . -1.42 -5.47 3.37
FE HEM B . -1.85 -4.32 1.75
#